data_1R5G
#
_entry.id   1R5G
#
_cell.length_a   90.009
_cell.length_b   98.612
_cell.length_c   101.093
_cell.angle_alpha   90.00
_cell.angle_beta   90.00
_cell.angle_gamma   90.00
#
_symmetry.space_group_name_H-M   'C 2 2 21'
#
loop_
_entity.id
_entity.type
_entity.pdbx_description
1 polymer 'Methionine aminopeptidase 2'
2 non-polymer 'MANGANESE (II) ION'
3 non-polymer (2S,3R)-3-AMINO-2-HYDROXY-5-(ETHYLSULFANYL)PENTANOYL-((S)-(-)-(1-NAPHTHYL)ETHYL)AMIDE
4 water water
#
_entity_poly.entity_id   1
_entity_poly.type   'polypeptide(L)'
_entity_poly.pdbx_seq_one_letter_code
;KVQTDPPSVPICDLYPNGVFPKGQECEYPPTQDGRTAAWRTTSEEKKALDQASEEIWNDFREAAEAHRQVRKYVMSWIKP
GMTMIEICEKLEDCSRKLIKENGLNAGLAFPTGCSLNNCAAHYTPNAGDTTVLQYDDICKIDFGTHISGRIIDCAFTVTF
NPKYDTLLKAVKDATNTGIKCAGIDVRLCDVGEAIQEVMESYEVEIDGKTYQVKPIRNLNGHSIGQYRIHAGKTVPIIKG
GEATRMEEGEVYAIETFGSTGKGVVHDDMECSHYMKNFDVGHVPIRLPRTKHLLNVINENFGTLAFCRRWLDRLGESKYL
MALKNLCDLGIVDPYPPLCDIKGSYTAQFEHTILLRPTCKEVVSRGDDY
;
_entity_poly.pdbx_strand_id   A
#
loop_
_chem_comp.id
_chem_comp.type
_chem_comp.name
_chem_comp.formula
AO1 non-polymer (2S,3R)-3-AMINO-2-HYDROXY-5-(ETHYLSULFANYL)PENTANOYL-((S)-(-)-(1-NAPHTHYL)ETHYL)AMIDE 'C19 H26 N2 O2 S'
MN non-polymer 'MANGANESE (II) ION' 'Mn 2'
#
# COMPACT_ATOMS: atom_id res chain seq x y z
N LYS A 1 -24.86 12.63 -4.93
CA LYS A 1 -24.79 12.85 -3.47
C LYS A 1 -24.82 11.48 -2.77
N VAL A 2 -25.34 10.47 -3.47
CA VAL A 2 -25.42 9.13 -2.93
C VAL A 2 -24.79 8.12 -3.90
N GLN A 3 -23.88 7.30 -3.39
CA GLN A 3 -23.19 6.31 -4.22
C GLN A 3 -24.17 5.25 -4.72
N THR A 4 -23.96 4.78 -5.94
CA THR A 4 -24.82 3.76 -6.53
C THR A 4 -24.34 2.37 -6.12
N ASP A 5 -25.27 1.41 -6.04
CA ASP A 5 -24.93 0.04 -5.67
C ASP A 5 -23.52 -0.26 -6.17
N PRO A 6 -23.34 -0.58 -7.46
CA PRO A 6 -21.94 -0.83 -7.82
C PRO A 6 -21.32 0.57 -7.91
N PRO A 7 -20.40 0.91 -6.99
CA PRO A 7 -19.75 2.23 -6.96
C PRO A 7 -19.43 2.78 -8.35
N SER A 8 -19.95 3.98 -8.64
CA SER A 8 -19.72 4.63 -9.92
C SER A 8 -19.62 6.15 -9.79
N VAL A 9 -20.07 6.68 -8.67
CA VAL A 9 -20.02 8.12 -8.44
C VAL A 9 -18.68 8.57 -7.86
N PRO A 10 -18.02 9.53 -8.52
CA PRO A 10 -16.72 10.02 -8.02
C PRO A 10 -16.86 10.52 -6.59
N ILE A 11 -15.85 10.25 -5.78
CA ILE A 11 -15.88 10.71 -4.39
C ILE A 11 -16.00 12.23 -4.36
N CYS A 12 -15.41 12.87 -5.36
CA CYS A 12 -15.43 14.33 -5.47
C CYS A 12 -16.85 14.88 -5.59
N ASP A 13 -17.75 14.07 -6.14
CA ASP A 13 -19.13 14.51 -6.31
C ASP A 13 -20.03 14.19 -5.11
N LEU A 14 -19.56 13.28 -4.26
CA LEU A 14 -20.32 12.90 -3.07
C LEU A 14 -20.11 13.94 -1.98
N TYR A 15 -19.11 14.80 -2.15
CA TYR A 15 -18.82 15.85 -1.18
C TYR A 15 -18.56 17.17 -1.89
N PRO A 16 -19.62 17.83 -2.40
CA PRO A 16 -19.53 19.10 -3.11
C PRO A 16 -18.63 20.17 -2.49
N ASN A 17 -18.67 20.31 -1.18
CA ASN A 17 -17.86 21.31 -0.49
C ASN A 17 -16.35 21.04 -0.62
N GLY A 18 -15.98 19.91 -1.19
CA GLY A 18 -14.57 19.61 -1.33
C GLY A 18 -13.92 19.27 0.00
N VAL A 19 -14.74 18.98 0.99
CA VAL A 19 -14.25 18.63 2.33
C VAL A 19 -14.57 17.16 2.55
N PHE A 20 -13.53 16.33 2.67
CA PHE A 20 -13.75 14.90 2.84
C PHE A 20 -13.61 14.40 4.28
N PRO A 21 -14.29 13.29 4.61
CA PRO A 21 -14.24 12.71 5.95
C PRO A 21 -12.84 12.34 6.42
N LYS A 22 -12.53 12.72 7.66
CA LYS A 22 -11.23 12.41 8.24
C LYS A 22 -11.18 10.94 8.58
N GLY A 23 -9.96 10.43 8.80
CA GLY A 23 -9.81 9.04 9.17
C GLY A 23 -9.86 8.98 10.67
N GLN A 24 -9.36 7.89 11.25
CA GLN A 24 -9.34 7.73 12.70
C GLN A 24 -8.31 8.67 13.34
N GLU A 25 -8.78 9.62 14.13
CA GLU A 25 -7.88 10.55 14.80
C GLU A 25 -7.54 10.02 16.18
N CYS A 26 -6.24 9.91 16.46
CA CYS A 26 -5.75 9.39 17.72
C CYS A 26 -4.80 10.35 18.42
N GLU A 27 -4.82 10.31 19.74
CA GLU A 27 -3.93 11.13 20.56
C GLU A 27 -2.59 10.43 20.48
N TYR A 28 -1.51 11.17 20.32
CA TYR A 28 -0.18 10.55 20.24
C TYR A 28 0.12 9.74 21.50
N PRO A 29 0.84 8.62 21.33
CA PRO A 29 1.18 7.77 22.47
C PRO A 29 2.12 8.45 23.46
N PRO A 30 1.95 8.17 24.76
CA PRO A 30 2.82 8.79 25.76
C PRO A 30 4.22 8.22 25.63
N THR A 31 5.20 8.95 26.18
CA THR A 31 6.58 8.50 26.13
C THR A 31 6.84 7.61 27.35
N GLN A 32 7.91 6.83 27.30
CA GLN A 32 8.26 5.96 28.40
C GLN A 32 8.17 6.69 29.74
N ASP A 33 8.49 7.98 29.73
CA ASP A 33 8.45 8.79 30.94
C ASP A 33 7.01 8.90 31.46
N GLY A 34 6.05 8.55 30.60
CA GLY A 34 4.65 8.61 30.99
C GLY A 34 4.01 9.90 30.52
N ARG A 35 4.81 10.76 29.89
CA ARG A 35 4.33 12.04 29.39
C ARG A 35 3.19 11.88 28.37
N THR A 36 2.06 12.54 28.64
CA THR A 36 0.91 12.47 27.74
C THR A 36 1.14 13.36 26.53
N ALA A 37 0.24 13.29 25.56
CA ALA A 37 0.35 14.10 24.34
C ALA A 37 -0.96 14.81 24.03
N ALA A 38 -1.83 14.90 25.04
CA ALA A 38 -3.13 15.53 24.88
C ALA A 38 -3.00 17.03 24.59
N TRP A 39 -1.89 17.62 25.01
CA TRP A 39 -1.65 19.04 24.80
C TRP A 39 -1.69 19.44 23.33
N ARG A 40 -1.38 18.49 22.46
CA ARG A 40 -1.39 18.76 21.02
C ARG A 40 -2.80 18.93 20.48
N THR A 41 -3.75 18.23 21.10
CA THR A 41 -5.14 18.28 20.67
C THR A 41 -5.61 19.71 20.45
N THR A 42 -5.08 20.64 21.22
CA THR A 42 -5.46 22.06 21.06
C THR A 42 -4.39 23.01 21.60
N SER A 43 -3.20 22.97 21.01
CA SER A 43 -2.12 23.86 21.43
C SER A 43 -1.88 24.88 20.33
N GLU A 44 -2.64 25.97 20.37
CA GLU A 44 -2.56 27.06 19.39
C GLU A 44 -1.42 26.94 18.39
N GLU A 45 -0.20 26.73 18.90
CA GLU A 45 0.98 26.59 18.05
C GLU A 45 0.76 25.48 17.00
N LYS A 46 0.58 24.26 17.47
CA LYS A 46 0.38 23.09 16.61
C LYS A 46 -0.90 23.21 15.79
N LYS A 47 -1.96 23.70 16.42
CA LYS A 47 -3.25 23.86 15.77
C LYS A 47 -3.11 24.73 14.51
N ALA A 48 -2.27 25.75 14.60
CA ALA A 48 -2.05 26.64 13.47
C ALA A 48 -1.37 25.85 12.34
N LEU A 49 -0.26 25.20 12.67
CA LEU A 49 0.48 24.40 11.70
C LEU A 49 -0.42 23.39 11.00
N ASP A 50 -1.26 22.73 11.78
CA ASP A 50 -2.16 21.72 11.26
C ASP A 50 -3.09 22.26 10.17
N GLN A 51 -3.86 23.29 10.52
CA GLN A 51 -4.80 23.88 9.57
C GLN A 51 -4.10 24.42 8.33
N ALA A 52 -2.82 24.76 8.47
CA ALA A 52 -2.05 25.29 7.35
C ALA A 52 -1.96 24.27 6.21
N SER A 53 -1.89 22.99 6.57
CA SER A 53 -1.79 21.93 5.57
C SER A 53 -3.12 21.19 5.40
N GLU A 54 -4.22 21.89 5.63
CA GLU A 54 -5.54 21.28 5.54
C GLU A 54 -5.86 20.76 4.13
N GLU A 55 -5.48 21.52 3.10
CA GLU A 55 -5.72 21.11 1.72
C GLU A 55 -4.98 19.81 1.41
N ILE A 56 -3.85 19.59 2.07
CA ILE A 56 -3.08 18.37 1.86
C ILE A 56 -3.72 17.19 2.59
N TRP A 57 -4.18 17.43 3.81
CA TRP A 57 -4.82 16.38 4.58
C TRP A 57 -6.08 16.00 3.81
N ASN A 58 -6.72 17.01 3.25
CA ASN A 58 -7.94 16.81 2.50
C ASN A 58 -7.74 15.94 1.26
N ASP A 59 -6.62 16.12 0.56
CA ASP A 59 -6.36 15.32 -0.63
C ASP A 59 -6.19 13.86 -0.23
N PHE A 60 -5.46 13.61 0.85
CA PHE A 60 -5.28 12.25 1.33
C PHE A 60 -6.65 11.64 1.64
N ARG A 61 -7.52 12.43 2.28
CA ARG A 61 -8.84 11.97 2.67
C ARG A 61 -9.70 11.56 1.49
N GLU A 62 -9.64 12.33 0.40
CA GLU A 62 -10.43 12.00 -0.78
C GLU A 62 -9.94 10.68 -1.38
N ALA A 63 -8.63 10.47 -1.32
CA ALA A 63 -8.04 9.25 -1.85
C ALA A 63 -8.39 8.06 -0.95
N ALA A 64 -8.42 8.32 0.36
CA ALA A 64 -8.73 7.31 1.35
C ALA A 64 -10.17 6.83 1.27
N GLU A 65 -11.10 7.77 1.02
CA GLU A 65 -12.51 7.43 0.92
C GLU A 65 -12.73 6.62 -0.35
N ALA A 66 -11.98 6.94 -1.40
CA ALA A 66 -12.09 6.20 -2.64
C ALA A 66 -11.60 4.78 -2.36
N HIS A 67 -10.50 4.69 -1.64
CA HIS A 67 -9.92 3.39 -1.28
C HIS A 67 -10.88 2.53 -0.45
N ARG A 68 -11.56 3.15 0.52
CA ARG A 68 -12.50 2.43 1.36
C ARG A 68 -13.67 1.90 0.53
N GLN A 69 -14.27 2.77 -0.29
CA GLN A 69 -15.39 2.36 -1.13
C GLN A 69 -15.02 1.29 -2.15
N VAL A 70 -13.84 1.41 -2.76
CA VAL A 70 -13.41 0.41 -3.74
C VAL A 70 -13.21 -0.97 -3.09
N ARG A 71 -12.53 -1.00 -1.96
CA ARG A 71 -12.25 -2.28 -1.30
C ARG A 71 -13.52 -2.93 -0.72
N LYS A 72 -14.47 -2.12 -0.26
CA LYS A 72 -15.73 -2.65 0.25
C LYS A 72 -16.44 -3.37 -0.89
N TYR A 73 -16.41 -2.76 -2.06
CA TYR A 73 -17.02 -3.30 -3.26
C TYR A 73 -16.33 -4.62 -3.66
N VAL A 74 -14.99 -4.60 -3.68
CA VAL A 74 -14.21 -5.78 -4.03
C VAL A 74 -14.51 -6.98 -3.11
N MET A 75 -14.57 -6.71 -1.81
CA MET A 75 -14.82 -7.78 -0.84
C MET A 75 -16.17 -8.44 -1.05
N SER A 76 -17.08 -7.74 -1.73
CA SER A 76 -18.41 -8.29 -1.98
C SER A 76 -18.49 -9.26 -3.15
N TRP A 77 -17.58 -9.15 -4.12
CA TRP A 77 -17.62 -10.04 -5.27
C TRP A 77 -16.40 -10.94 -5.51
N ILE A 78 -15.27 -10.64 -4.88
CA ILE A 78 -14.08 -11.46 -5.12
C ILE A 78 -14.34 -12.89 -4.65
N LYS A 79 -14.21 -13.83 -5.58
CA LYS A 79 -14.48 -15.25 -5.30
C LYS A 79 -13.57 -16.18 -6.08
N PRO A 80 -13.38 -17.41 -5.58
CA PRO A 80 -12.53 -18.35 -6.31
C PRO A 80 -13.23 -18.63 -7.62
N GLY A 81 -12.46 -18.94 -8.67
CA GLY A 81 -13.06 -19.17 -9.97
C GLY A 81 -12.75 -18.01 -10.91
N MET A 82 -12.63 -16.80 -10.36
CA MET A 82 -12.30 -15.63 -11.18
C MET A 82 -10.81 -15.64 -11.48
N THR A 83 -10.41 -15.18 -12.66
CA THR A 83 -8.98 -15.14 -12.99
C THR A 83 -8.42 -13.93 -12.24
N MET A 84 -7.10 -13.90 -12.02
CA MET A 84 -6.51 -12.77 -11.31
C MET A 84 -6.64 -11.51 -12.16
N ILE A 85 -6.66 -11.66 -13.49
CA ILE A 85 -6.80 -10.52 -14.37
C ILE A 85 -8.21 -9.92 -14.22
N GLU A 86 -9.22 -10.79 -14.17
CA GLU A 86 -10.61 -10.32 -14.02
C GLU A 86 -10.74 -9.53 -12.72
N ILE A 87 -10.08 -10.02 -11.67
CA ILE A 87 -10.13 -9.34 -10.38
C ILE A 87 -9.49 -7.95 -10.40
N CYS A 88 -8.27 -7.88 -10.89
CA CYS A 88 -7.57 -6.60 -10.92
C CYS A 88 -8.24 -5.60 -11.84
N GLU A 89 -8.74 -6.06 -12.98
CA GLU A 89 -9.40 -5.16 -13.90
C GLU A 89 -10.74 -4.66 -13.37
N LYS A 90 -11.43 -5.50 -12.62
CA LYS A 90 -12.72 -5.09 -12.06
C LYS A 90 -12.47 -4.09 -10.94
N LEU A 91 -11.40 -4.29 -10.17
CA LEU A 91 -11.07 -3.39 -9.08
C LEU A 91 -10.59 -2.04 -9.62
N GLU A 92 -9.62 -2.09 -10.53
CA GLU A 92 -9.05 -0.87 -11.11
C GLU A 92 -10.09 -0.02 -11.85
N ASP A 93 -11.06 -0.66 -12.52
CA ASP A 93 -12.09 0.10 -13.21
C ASP A 93 -12.84 0.97 -12.20
N CYS A 94 -13.19 0.36 -11.07
CA CYS A 94 -13.91 1.07 -10.02
C CYS A 94 -13.06 2.17 -9.38
N SER A 95 -11.79 1.86 -9.14
CA SER A 95 -10.85 2.81 -8.54
C SER A 95 -10.69 4.06 -9.41
N ARG A 96 -10.47 3.84 -10.70
CA ARG A 96 -10.31 4.97 -11.62
C ARG A 96 -11.55 5.87 -11.61
N LYS A 97 -12.72 5.26 -11.49
CA LYS A 97 -13.97 6.02 -11.48
C LYS A 97 -14.22 6.81 -10.21
N LEU A 98 -13.93 6.21 -9.05
CA LEU A 98 -14.16 6.90 -7.78
C LEU A 98 -13.11 7.96 -7.49
N ILE A 99 -11.92 7.76 -8.01
CA ILE A 99 -10.83 8.71 -7.81
C ILE A 99 -10.95 9.78 -8.89
N LYS A 100 -11.82 9.53 -9.87
CA LYS A 100 -12.03 10.43 -10.99
C LYS A 100 -10.68 10.72 -11.62
N GLU A 101 -10.03 9.66 -12.11
CA GLU A 101 -8.72 9.76 -12.73
C GLU A 101 -8.58 10.94 -13.68
N ASN A 102 -7.48 11.65 -13.53
CA ASN A 102 -7.19 12.83 -14.35
C ASN A 102 -5.67 12.93 -14.50
N GLY A 103 -5.10 12.07 -15.33
CA GLY A 103 -3.67 12.10 -15.52
C GLY A 103 -2.93 11.98 -14.20
N LEU A 104 -1.92 12.82 -14.01
CA LEU A 104 -1.12 12.81 -12.79
C LEU A 104 -1.75 13.58 -11.62
N ASN A 105 -2.91 14.20 -11.86
CA ASN A 105 -3.59 14.96 -10.83
C ASN A 105 -4.48 14.09 -9.92
N ALA A 106 -4.86 12.92 -10.43
CA ALA A 106 -5.71 12.00 -9.69
C ALA A 106 -5.62 10.65 -10.37
N GLY A 107 -5.54 9.58 -9.59
CA GLY A 107 -5.45 8.28 -10.20
C GLY A 107 -4.95 7.16 -9.30
N LEU A 108 -4.47 6.09 -9.94
CA LEU A 108 -3.97 4.92 -9.23
C LEU A 108 -2.50 5.15 -8.87
N ALA A 109 -2.18 5.01 -7.59
CA ALA A 109 -0.82 5.23 -7.10
C ALA A 109 0.16 4.13 -7.49
N PHE A 110 -0.35 2.91 -7.64
CA PHE A 110 0.49 1.78 -8.03
C PHE A 110 -0.39 0.61 -8.44
N PRO A 111 0.19 -0.43 -9.04
CA PRO A 111 -0.56 -1.61 -9.49
C PRO A 111 -1.28 -2.36 -8.39
N THR A 112 -2.37 -3.02 -8.77
CA THR A 112 -3.15 -3.81 -7.83
C THR A 112 -2.44 -5.11 -7.50
N GLY A 113 -1.85 -5.16 -6.31
CA GLY A 113 -1.19 -6.40 -5.91
C GLY A 113 -2.27 -7.40 -5.54
N CYS A 114 -2.06 -8.66 -5.90
CA CYS A 114 -3.02 -9.73 -5.59
C CYS A 114 -2.21 -11.00 -5.39
N SER A 115 -1.09 -10.85 -4.66
CA SER A 115 -0.16 -11.92 -4.36
C SER A 115 -0.79 -13.11 -3.66
N LEU A 116 -0.53 -14.31 -4.19
CA LEU A 116 -1.10 -15.53 -3.66
C LEU A 116 -0.18 -16.43 -2.84
N ASN A 117 -0.73 -16.98 -1.76
CA ASN A 117 -0.04 -17.91 -0.90
C ASN A 117 1.36 -17.58 -0.39
N ASN A 118 2.37 -18.31 -0.87
CA ASN A 118 3.75 -18.09 -0.41
C ASN A 118 4.29 -16.77 -0.94
N CYS A 119 3.67 -16.26 -1.98
CA CYS A 119 4.09 -14.98 -2.54
C CYS A 119 3.38 -13.89 -1.74
N ALA A 120 4.18 -13.06 -1.09
CA ALA A 120 3.67 -12.01 -0.22
C ALA A 120 3.38 -10.67 -0.88
N ALA A 121 4.07 -10.35 -1.96
CA ALA A 121 3.85 -9.06 -2.62
C ALA A 121 4.44 -8.87 -4.01
N HIS A 122 3.99 -7.82 -4.67
CA HIS A 122 4.43 -7.43 -5.99
C HIS A 122 3.96 -8.28 -7.17
N TYR A 123 2.97 -9.13 -6.93
CA TYR A 123 2.43 -9.92 -8.02
C TYR A 123 1.10 -9.33 -8.47
N THR A 124 1.01 -9.07 -9.77
CA THR A 124 -0.20 -8.60 -10.40
C THR A 124 -0.02 -9.28 -11.76
N PRO A 125 -1.10 -9.84 -12.32
CA PRO A 125 -0.99 -10.51 -13.62
C PRO A 125 -0.58 -9.64 -14.81
N ASN A 126 0.21 -10.24 -15.70
CA ASN A 126 0.63 -9.59 -16.93
C ASN A 126 -0.32 -10.17 -17.96
N ALA A 127 -0.38 -9.56 -19.13
CA ALA A 127 -1.25 -10.05 -20.20
C ALA A 127 -1.06 -11.54 -20.42
N GLY A 128 -2.16 -12.27 -20.58
CA GLY A 128 -2.07 -13.70 -20.83
C GLY A 128 -2.02 -14.60 -19.61
N ASP A 129 -1.86 -14.03 -18.42
CA ASP A 129 -1.79 -14.81 -17.18
C ASP A 129 -3.13 -15.52 -16.95
N THR A 130 -3.14 -16.86 -17.05
CA THR A 130 -4.38 -17.62 -16.87
C THR A 130 -4.67 -18.03 -15.42
N THR A 131 -3.88 -17.56 -14.48
CA THR A 131 -4.07 -17.92 -13.08
C THR A 131 -5.49 -17.65 -12.59
N VAL A 132 -6.04 -18.62 -11.87
CA VAL A 132 -7.39 -18.52 -11.31
C VAL A 132 -7.29 -18.61 -9.79
N LEU A 133 -8.08 -17.79 -9.10
CA LEU A 133 -8.12 -17.75 -7.64
C LEU A 133 -8.82 -19.02 -7.14
N GLN A 134 -8.21 -19.68 -6.18
CA GLN A 134 -8.77 -20.93 -5.63
C GLN A 134 -9.32 -20.77 -4.22
N TYR A 135 -10.16 -21.71 -3.81
CA TYR A 135 -10.79 -21.68 -2.49
C TYR A 135 -9.76 -21.66 -1.34
N ASP A 136 -8.65 -22.35 -1.52
CA ASP A 136 -7.61 -22.41 -0.48
C ASP A 136 -6.55 -21.31 -0.60
N ASP A 137 -6.72 -20.40 -1.55
CA ASP A 137 -5.75 -19.31 -1.73
C ASP A 137 -5.84 -18.23 -0.66
N ILE A 138 -4.68 -17.66 -0.33
CA ILE A 138 -4.63 -16.55 0.61
C ILE A 138 -4.02 -15.43 -0.24
N CYS A 139 -4.89 -14.49 -0.61
CA CYS A 139 -4.58 -13.39 -1.50
C CYS A 139 -4.41 -12.02 -0.84
N LYS A 140 -3.30 -11.37 -1.12
CA LYS A 140 -3.04 -10.05 -0.56
C LYS A 140 -3.41 -8.96 -1.56
N ILE A 141 -4.52 -8.28 -1.29
CA ILE A 141 -4.99 -7.21 -2.16
C ILE A 141 -4.37 -5.91 -1.65
N ASP A 142 -3.38 -5.41 -2.40
CA ASP A 142 -2.69 -4.18 -2.03
C ASP A 142 -2.80 -3.20 -3.19
N PHE A 143 -3.57 -2.13 -3.00
CA PHE A 143 -3.73 -1.16 -4.08
C PHE A 143 -3.67 0.26 -3.53
N GLY A 144 -3.45 1.22 -4.42
CA GLY A 144 -3.35 2.59 -3.99
C GLY A 144 -4.03 3.61 -4.87
N THR A 145 -4.38 4.73 -4.25
CA THR A 145 -5.04 5.84 -4.94
C THR A 145 -4.32 7.11 -4.52
N HIS A 146 -4.49 8.18 -5.28
CA HIS A 146 -3.84 9.42 -4.91
C HIS A 146 -4.57 10.60 -5.52
N ILE A 147 -4.43 11.75 -4.87
CA ILE A 147 -5.00 13.00 -5.34
C ILE A 147 -3.79 13.93 -5.27
N SER A 148 -3.43 14.51 -6.41
CA SER A 148 -2.30 15.43 -6.46
C SER A 148 -1.03 14.84 -5.85
N GLY A 149 -0.82 13.54 -6.03
CA GLY A 149 0.39 12.94 -5.50
C GLY A 149 0.37 12.57 -4.02
N ARG A 150 -0.75 12.80 -3.35
CA ARG A 150 -0.90 12.46 -1.93
C ARG A 150 -1.41 11.03 -1.99
N ILE A 151 -0.53 10.10 -1.68
CA ILE A 151 -0.79 8.67 -1.79
C ILE A 151 -1.37 7.92 -0.60
N ILE A 152 -2.34 7.04 -0.89
CA ILE A 152 -2.93 6.18 0.12
C ILE A 152 -2.44 4.78 -0.24
N ASP A 153 -1.63 4.20 0.64
CA ASP A 153 -1.08 2.86 0.46
C ASP A 153 -1.78 2.05 1.54
N CYS A 154 -2.72 1.22 1.13
CA CYS A 154 -3.52 0.44 2.08
C CYS A 154 -3.80 -0.96 1.53
N ALA A 155 -3.74 -1.96 2.40
CA ALA A 155 -3.94 -3.33 1.95
C ALA A 155 -4.55 -4.29 3.00
N PHE A 156 -5.15 -5.36 2.50
CA PHE A 156 -5.76 -6.36 3.34
C PHE A 156 -5.60 -7.74 2.70
N THR A 157 -5.96 -8.78 3.45
CA THR A 157 -5.83 -10.14 2.95
C THR A 157 -7.19 -10.80 2.74
N VAL A 158 -7.32 -11.56 1.66
CA VAL A 158 -8.55 -12.25 1.32
C VAL A 158 -8.38 -13.76 1.39
N THR A 159 -9.34 -14.44 2.01
CA THR A 159 -9.30 -15.90 2.12
C THR A 159 -10.75 -16.37 2.09
N PHE A 160 -10.94 -17.67 1.85
CA PHE A 160 -12.28 -18.25 1.83
C PHE A 160 -12.35 -19.46 2.77
N ASN A 161 -11.18 -19.99 3.11
CA ASN A 161 -11.08 -21.12 4.02
C ASN A 161 -10.75 -20.57 5.40
N PRO A 162 -11.61 -20.83 6.40
CA PRO A 162 -11.40 -20.35 7.77
C PRO A 162 -10.14 -20.83 8.48
N LYS A 163 -9.41 -21.75 7.86
CA LYS A 163 -8.19 -22.27 8.45
C LYS A 163 -7.11 -21.19 8.56
N TYR A 164 -7.23 -20.12 7.77
CA TYR A 164 -6.25 -19.04 7.79
C TYR A 164 -6.66 -17.90 8.75
N ASP A 165 -7.82 -18.03 9.39
CA ASP A 165 -8.30 -16.97 10.29
C ASP A 165 -7.34 -16.44 11.35
N THR A 166 -6.71 -17.33 12.11
CA THR A 166 -5.80 -16.84 13.15
C THR A 166 -4.55 -16.20 12.55
N LEU A 167 -4.15 -16.66 11.38
CA LEU A 167 -2.98 -16.09 10.69
C LEU A 167 -3.30 -14.64 10.33
N LEU A 168 -4.49 -14.41 9.78
CA LEU A 168 -4.93 -13.08 9.39
C LEU A 168 -5.04 -12.17 10.61
N LYS A 169 -5.61 -12.69 11.70
CA LYS A 169 -5.77 -11.92 12.92
C LYS A 169 -4.39 -11.52 13.44
N ALA A 170 -3.45 -12.46 13.37
CA ALA A 170 -2.09 -12.22 13.82
C ALA A 170 -1.47 -11.02 13.13
N VAL A 171 -1.56 -10.98 11.81
CA VAL A 171 -1.00 -9.87 11.02
C VAL A 171 -1.78 -8.57 11.23
N LYS A 172 -3.10 -8.68 11.29
CA LYS A 172 -3.95 -7.51 11.50
C LYS A 172 -3.59 -6.85 12.83
N ASP A 173 -3.45 -7.67 13.87
CA ASP A 173 -3.10 -7.19 15.20
C ASP A 173 -1.71 -6.55 15.17
N ALA A 174 -0.77 -7.18 14.45
CA ALA A 174 0.59 -6.65 14.35
C ALA A 174 0.61 -5.27 13.71
N THR A 175 -0.12 -5.11 12.62
CA THR A 175 -0.19 -3.84 11.92
C THR A 175 -0.84 -2.79 12.83
N ASN A 176 -1.94 -3.13 13.48
CA ASN A 176 -2.59 -2.17 14.37
C ASN A 176 -1.66 -1.79 15.52
N THR A 177 -0.82 -2.73 15.94
CA THR A 177 0.13 -2.47 17.02
C THR A 177 1.15 -1.44 16.52
N GLY A 178 1.58 -1.61 15.28
CA GLY A 178 2.53 -0.68 14.70
C GLY A 178 1.92 0.71 14.60
N ILE A 179 0.65 0.74 14.20
CA ILE A 179 -0.07 2.01 14.06
C ILE A 179 -0.21 2.72 15.41
N LYS A 180 -0.49 1.94 16.46
CA LYS A 180 -0.64 2.48 17.80
C LYS A 180 0.67 3.04 18.32
N CYS A 181 1.75 2.31 18.05
CA CYS A 181 3.08 2.70 18.49
C CYS A 181 3.65 3.91 17.75
N ALA A 182 3.26 4.09 16.50
CA ALA A 182 3.76 5.21 15.70
C ALA A 182 3.42 6.57 16.29
N GLY A 183 4.30 7.54 16.02
CA GLY A 183 4.08 8.90 16.52
C GLY A 183 5.32 9.77 16.41
N ILE A 184 5.13 11.07 16.61
CA ILE A 184 6.23 12.03 16.56
C ILE A 184 7.28 11.69 17.63
N ASP A 185 8.55 11.71 17.22
CA ASP A 185 9.68 11.40 18.09
C ASP A 185 9.84 9.92 18.46
N VAL A 186 8.98 9.07 17.91
CA VAL A 186 9.07 7.64 18.18
C VAL A 186 10.19 7.05 17.33
N ARG A 187 11.01 6.19 17.93
CA ARG A 187 12.11 5.55 17.20
C ARG A 187 11.57 4.45 16.30
N LEU A 188 12.00 4.45 15.05
CA LEU A 188 11.54 3.43 14.10
C LEU A 188 11.84 2.02 14.59
N CYS A 189 12.98 1.81 15.23
CA CYS A 189 13.34 0.48 15.71
C CYS A 189 12.40 -0.04 16.79
N ASP A 190 11.80 0.87 17.56
CA ASP A 190 10.88 0.47 18.61
C ASP A 190 9.58 -0.02 17.99
N VAL A 191 9.17 0.63 16.91
CA VAL A 191 7.95 0.26 16.23
C VAL A 191 8.09 -1.17 15.74
N GLY A 192 9.25 -1.47 15.15
CA GLY A 192 9.49 -2.82 14.65
C GLY A 192 9.54 -3.85 15.77
N GLU A 193 10.15 -3.47 16.89
CA GLU A 193 10.24 -4.36 18.05
C GLU A 193 8.83 -4.71 18.51
N ALA A 194 7.99 -3.69 18.63
CA ALA A 194 6.60 -3.86 19.06
C ALA A 194 5.79 -4.74 18.12
N ILE A 195 5.95 -4.50 16.83
CA ILE A 195 5.22 -5.26 15.81
C ILE A 195 5.54 -6.74 15.92
N GLN A 196 6.84 -7.06 15.96
CA GLN A 196 7.29 -8.44 16.03
C GLN A 196 6.78 -9.15 17.28
N GLU A 197 6.85 -8.48 18.42
CA GLU A 197 6.41 -9.06 19.69
C GLU A 197 4.96 -9.53 19.62
N VAL A 198 4.10 -8.72 19.00
CA VAL A 198 2.69 -9.09 18.89
C VAL A 198 2.51 -10.21 17.87
N MET A 199 3.12 -10.05 16.71
CA MET A 199 3.02 -11.03 15.64
C MET A 199 3.40 -12.42 16.13
N GLU A 200 4.53 -12.51 16.82
CA GLU A 200 5.01 -13.79 17.31
C GLU A 200 4.28 -14.35 18.53
N SER A 201 3.32 -13.59 19.06
CA SER A 201 2.55 -14.07 20.21
C SER A 201 1.45 -14.98 19.68
N TYR A 202 1.33 -15.05 18.35
CA TYR A 202 0.32 -15.88 17.71
C TYR A 202 0.84 -17.22 17.23
N GLU A 203 0.10 -18.28 17.53
CA GLU A 203 0.44 -19.61 17.05
C GLU A 203 -0.80 -20.01 16.25
N VAL A 204 -0.59 -20.65 15.11
CA VAL A 204 -1.71 -21.04 14.27
C VAL A 204 -1.59 -22.48 13.83
N GLU A 205 -2.72 -23.09 13.52
CA GLU A 205 -2.74 -24.46 13.06
C GLU A 205 -3.42 -24.49 11.71
N ILE A 206 -2.69 -24.96 10.69
CA ILE A 206 -3.23 -25.04 9.35
C ILE A 206 -2.95 -26.44 8.79
N ASP A 207 -4.03 -27.13 8.45
CA ASP A 207 -3.94 -28.49 7.91
C ASP A 207 -3.11 -29.44 8.77
N GLY A 208 -3.42 -29.50 10.06
CA GLY A 208 -2.72 -30.40 10.96
C GLY A 208 -1.34 -30.01 11.44
N LYS A 209 -0.79 -28.91 10.94
CA LYS A 209 0.53 -28.47 11.38
C LYS A 209 0.42 -27.12 12.08
N THR A 210 1.26 -26.94 13.10
CA THR A 210 1.25 -25.69 13.86
C THR A 210 2.45 -24.84 13.51
N TYR A 211 2.33 -23.53 13.65
CA TYR A 211 3.41 -22.61 13.34
C TYR A 211 3.34 -21.39 14.24
N GLN A 212 4.49 -20.77 14.49
CA GLN A 212 4.49 -19.51 15.24
C GLN A 212 4.66 -18.47 14.14
N VAL A 213 3.65 -17.64 13.93
CA VAL A 213 3.70 -16.63 12.87
C VAL A 213 4.98 -15.81 12.91
N LYS A 214 5.64 -15.68 11.77
CA LYS A 214 6.88 -14.91 11.68
C LYS A 214 6.73 -13.67 10.80
N PRO A 215 7.29 -12.54 11.24
CA PRO A 215 7.17 -11.35 10.39
C PRO A 215 8.16 -11.58 9.26
N ILE A 216 7.86 -11.09 8.06
CA ILE A 216 8.79 -11.27 6.95
C ILE A 216 9.81 -10.16 7.16
N ARG A 217 10.97 -10.54 7.68
CA ARG A 217 12.03 -9.62 8.05
C ARG A 217 12.58 -8.65 7.01
N ASN A 218 12.60 -9.03 5.74
CA ASN A 218 13.13 -8.10 4.75
C ASN A 218 12.06 -7.27 4.04
N LEU A 219 10.89 -7.18 4.68
CA LEU A 219 9.79 -6.37 4.17
C LEU A 219 9.51 -5.33 5.26
N ASN A 220 9.01 -4.15 4.87
CA ASN A 220 8.73 -3.14 5.87
C ASN A 220 7.85 -1.99 5.42
N GLY A 221 7.49 -1.14 6.39
CA GLY A 221 6.68 0.02 6.13
C GLY A 221 7.58 1.11 5.60
N HIS A 222 7.08 2.34 5.50
CA HIS A 222 7.90 3.41 4.96
C HIS A 222 7.22 4.76 5.01
N SER A 223 8.01 5.83 4.95
CA SER A 223 7.42 7.17 4.92
C SER A 223 6.95 7.37 3.49
N ILE A 224 6.03 8.31 3.29
CA ILE A 224 5.48 8.59 1.98
C ILE A 224 5.66 10.06 1.63
N GLY A 225 6.00 10.33 0.38
CA GLY A 225 6.20 11.70 -0.06
C GLY A 225 5.34 12.00 -1.27
N GLN A 226 5.24 13.25 -1.66
CA GLN A 226 4.42 13.59 -2.82
C GLN A 226 4.94 12.88 -4.06
N TYR A 227 4.07 12.07 -4.66
CA TYR A 227 4.41 11.29 -5.85
C TYR A 227 5.54 10.31 -5.57
N ARG A 228 5.89 10.14 -4.30
CA ARG A 228 6.97 9.25 -3.92
C ARG A 228 6.54 8.26 -2.85
N ILE A 229 6.08 7.10 -3.30
CA ILE A 229 5.61 6.05 -2.41
C ILE A 229 6.57 5.75 -1.26
N HIS A 230 7.87 5.70 -1.56
CA HIS A 230 8.89 5.42 -0.55
C HIS A 230 9.76 6.66 -0.42
N ALA A 231 9.41 7.52 0.53
CA ALA A 231 10.12 8.78 0.74
C ALA A 231 11.57 8.71 1.25
N GLY A 232 11.95 7.62 1.90
CA GLY A 232 13.31 7.52 2.40
C GLY A 232 13.48 6.80 3.72
N LYS A 233 12.46 6.82 4.58
CA LYS A 233 12.55 6.12 5.85
C LYS A 233 11.80 4.79 5.79
N THR A 234 12.33 3.79 6.48
CA THR A 234 11.70 2.48 6.50
C THR A 234 11.21 2.10 7.90
N VAL A 235 10.05 1.44 7.97
CA VAL A 235 9.47 0.99 9.23
C VAL A 235 9.66 -0.53 9.28
N PRO A 236 10.64 -1.00 10.08
CA PRO A 236 11.00 -2.41 10.28
C PRO A 236 9.90 -3.49 10.11
N ILE A 237 9.71 -4.29 11.15
CA ILE A 237 8.74 -5.37 11.22
C ILE A 237 9.29 -6.34 12.26
N ILE A 238 10.56 -6.13 12.60
CA ILE A 238 11.27 -6.93 13.58
C ILE A 238 12.33 -6.05 14.27
N LYS A 239 12.97 -6.59 15.31
CA LYS A 239 14.03 -5.85 16.02
C LYS A 239 15.00 -5.44 14.91
N GLY A 240 15.16 -4.14 14.69
CA GLY A 240 16.03 -3.66 13.63
C GLY A 240 17.00 -2.57 14.03
N GLY A 241 16.60 -1.31 13.82
CA GLY A 241 17.47 -0.19 14.19
C GLY A 241 17.32 1.06 13.33
N GLU A 242 17.37 0.88 12.03
CA GLU A 242 17.25 2.00 11.08
C GLU A 242 18.32 3.04 11.35
N ALA A 243 17.93 4.11 12.04
CA ALA A 243 18.84 5.20 12.38
C ALA A 243 18.10 6.52 12.63
N THR A 244 16.78 6.46 12.76
CA THR A 244 16.01 7.68 12.98
C THR A 244 14.65 7.54 13.67
N ARG A 245 14.08 8.70 14.00
CA ARG A 245 12.78 8.80 14.65
C ARG A 245 11.77 9.37 13.66
N MET A 246 10.48 9.17 13.96
CA MET A 246 9.43 9.70 13.10
C MET A 246 9.32 11.19 13.39
N GLU A 247 8.99 11.98 12.37
CA GLU A 247 8.90 13.42 12.54
C GLU A 247 7.54 14.03 12.22
N GLU A 248 7.27 15.15 12.87
CA GLU A 248 6.03 15.88 12.67
C GLU A 248 5.84 16.23 11.20
N GLY A 249 4.62 16.04 10.70
CA GLY A 249 4.34 16.35 9.32
C GLY A 249 4.59 15.21 8.36
N GLU A 250 5.29 14.18 8.82
CA GLU A 250 5.58 13.04 7.96
C GLU A 250 4.34 12.19 7.74
N VAL A 251 4.37 11.36 6.70
CA VAL A 251 3.27 10.47 6.36
C VAL A 251 3.92 9.10 6.25
N TYR A 252 3.26 8.09 6.83
CA TYR A 252 3.80 6.74 6.81
C TYR A 252 2.82 5.66 6.38
N ALA A 253 3.38 4.61 5.80
CA ALA A 253 2.60 3.45 5.41
C ALA A 253 3.02 2.42 6.46
N ILE A 254 2.09 2.03 7.32
CA ILE A 254 2.38 1.05 8.35
C ILE A 254 1.87 -0.28 7.83
N GLU A 255 2.80 -1.17 7.46
CA GLU A 255 2.42 -2.48 6.94
C GLU A 255 3.26 -3.59 7.53
N THR A 256 2.61 -4.72 7.78
CA THR A 256 3.32 -5.88 8.30
C THR A 256 2.90 -7.08 7.48
N PHE A 257 3.80 -8.06 7.39
CA PHE A 257 3.56 -9.29 6.64
C PHE A 257 3.89 -10.43 7.59
N GLY A 258 3.03 -11.45 7.65
CA GLY A 258 3.28 -12.59 8.51
C GLY A 258 3.41 -13.83 7.64
N SER A 259 4.23 -14.79 8.05
CA SER A 259 4.43 -15.99 7.26
C SER A 259 4.61 -17.27 8.07
N THR A 260 4.23 -18.40 7.47
CA THR A 260 4.38 -19.70 8.11
C THR A 260 5.63 -20.36 7.54
N GLY A 261 6.35 -19.61 6.71
CA GLY A 261 7.55 -20.14 6.10
C GLY A 261 8.81 -19.69 6.82
N LYS A 262 9.81 -19.24 6.07
CA LYS A 262 11.06 -18.79 6.67
C LYS A 262 11.01 -17.37 7.21
N GLY A 263 10.05 -16.56 6.74
CA GLY A 263 9.98 -15.20 7.21
C GLY A 263 10.96 -14.32 6.46
N VAL A 264 11.20 -14.67 5.20
CA VAL A 264 12.11 -13.94 4.32
C VAL A 264 11.62 -14.16 2.89
N VAL A 265 11.61 -13.10 2.09
CA VAL A 265 11.16 -13.22 0.71
C VAL A 265 12.29 -13.05 -0.28
N HIS A 266 12.11 -13.63 -1.46
CA HIS A 266 13.09 -13.57 -2.53
C HIS A 266 12.37 -13.34 -3.86
N ASP A 267 13.06 -12.74 -4.83
CA ASP A 267 12.48 -12.48 -6.15
C ASP A 267 12.08 -13.81 -6.80
N ASP A 268 10.89 -13.86 -7.41
CA ASP A 268 10.42 -15.07 -8.08
C ASP A 268 9.28 -14.75 -9.01
N MET A 269 9.17 -15.53 -10.08
CA MET A 269 8.12 -15.35 -11.09
C MET A 269 8.40 -14.15 -11.99
N GLU A 270 7.60 -14.02 -13.04
CA GLU A 270 7.76 -12.92 -14.00
C GLU A 270 7.43 -11.56 -13.37
N CYS A 271 8.21 -10.55 -13.73
CA CYS A 271 8.02 -9.22 -13.17
C CYS A 271 6.86 -8.49 -13.85
N SER A 272 6.12 -7.73 -13.05
CA SER A 272 4.99 -6.95 -13.54
C SER A 272 5.06 -5.51 -13.05
N HIS A 273 5.65 -5.33 -11.87
CA HIS A 273 5.78 -3.99 -11.28
C HIS A 273 7.07 -3.28 -11.67
N TYR A 274 6.93 -1.99 -12.01
CA TYR A 274 8.06 -1.15 -12.42
C TYR A 274 7.82 0.27 -11.90
N MET A 275 8.91 0.98 -11.61
CA MET A 275 8.81 2.35 -11.14
C MET A 275 10.10 3.13 -11.41
N LYS A 276 9.95 4.29 -12.03
CA LYS A 276 11.07 5.16 -12.35
C LYS A 276 11.83 5.52 -11.08
N ASN A 277 13.16 5.60 -11.17
CA ASN A 277 13.95 5.98 -10.01
C ASN A 277 13.67 7.45 -9.74
N PHE A 278 13.14 7.74 -8.56
CA PHE A 278 12.80 9.10 -8.17
C PHE A 278 13.96 10.07 -8.31
N ASP A 279 15.18 9.57 -8.07
CA ASP A 279 16.40 10.37 -8.12
C ASP A 279 17.05 10.57 -9.48
N VAL A 280 16.58 9.87 -10.51
CA VAL A 280 17.16 10.01 -11.84
C VAL A 280 16.56 11.22 -12.54
N GLY A 281 17.42 12.10 -13.03
CA GLY A 281 16.94 13.28 -13.73
C GLY A 281 16.73 13.02 -15.20
N HIS A 282 16.37 14.05 -15.94
CA HIS A 282 16.14 13.92 -17.37
C HIS A 282 17.34 13.24 -18.04
N VAL A 283 17.05 12.27 -18.90
CA VAL A 283 18.10 11.55 -19.60
C VAL A 283 17.76 11.51 -21.09
N PRO A 284 18.57 12.18 -21.92
CA PRO A 284 18.31 12.18 -23.37
C PRO A 284 18.39 10.77 -23.93
N ILE A 285 17.46 10.42 -24.81
CA ILE A 285 17.44 9.10 -25.42
C ILE A 285 17.13 9.20 -26.90
N ARG A 286 17.96 8.57 -27.72
CA ARG A 286 17.79 8.57 -29.17
C ARG A 286 17.13 7.29 -29.66
N LEU A 287 17.43 6.17 -29.01
CA LEU A 287 16.82 4.90 -29.40
C LEU A 287 15.31 5.14 -29.50
N PRO A 288 14.74 5.01 -30.71
CA PRO A 288 13.31 5.22 -30.98
C PRO A 288 12.32 4.65 -29.97
N ARG A 289 12.22 3.33 -29.93
CA ARG A 289 11.28 2.65 -29.04
C ARG A 289 11.50 2.94 -27.56
N THR A 290 12.75 3.02 -27.15
CA THR A 290 13.10 3.29 -25.74
C THR A 290 12.72 4.74 -25.38
N LYS A 291 12.94 5.65 -26.33
CA LYS A 291 12.63 7.06 -26.13
C LYS A 291 11.12 7.24 -25.96
N HIS A 292 10.35 6.60 -26.84
CA HIS A 292 8.90 6.69 -26.78
C HIS A 292 8.33 6.11 -25.50
N LEU A 293 8.83 4.95 -25.07
CA LEU A 293 8.32 4.33 -23.86
C LEU A 293 8.58 5.23 -22.66
N LEU A 294 9.77 5.83 -22.59
CA LEU A 294 10.10 6.70 -21.47
C LEU A 294 9.17 7.92 -21.47
N ASN A 295 8.82 8.42 -22.65
CA ASN A 295 7.94 9.56 -22.70
C ASN A 295 6.56 9.14 -22.23
N VAL A 296 6.14 7.93 -22.60
CA VAL A 296 4.84 7.40 -22.17
C VAL A 296 4.82 7.26 -20.65
N ILE A 297 5.92 6.78 -20.09
CA ILE A 297 6.01 6.61 -18.64
C ILE A 297 5.99 7.98 -17.95
N ASN A 298 6.74 8.94 -18.45
CA ASN A 298 6.76 10.27 -17.85
C ASN A 298 5.40 10.96 -17.93
N GLU A 299 4.70 10.76 -19.04
CA GLU A 299 3.40 11.39 -19.24
C GLU A 299 2.29 10.80 -18.37
N ASN A 300 2.26 9.47 -18.28
CA ASN A 300 1.21 8.77 -17.54
C ASN A 300 1.48 8.41 -16.09
N PHE A 301 2.73 8.11 -15.76
CA PHE A 301 3.04 7.67 -14.41
C PHE A 301 3.98 8.57 -13.60
N GLY A 302 4.88 9.26 -14.27
CA GLY A 302 5.83 10.09 -13.55
C GLY A 302 6.64 9.18 -12.64
N THR A 303 6.76 9.55 -11.38
CA THR A 303 7.51 8.72 -10.44
C THR A 303 6.64 7.67 -9.73
N LEU A 304 5.39 7.52 -10.16
CA LEU A 304 4.49 6.54 -9.55
C LEU A 304 4.71 5.16 -10.19
N ALA A 305 4.41 4.11 -9.44
CA ALA A 305 4.59 2.76 -9.97
C ALA A 305 3.53 2.41 -10.99
N PHE A 306 3.88 1.51 -11.90
CA PHE A 306 2.98 1.06 -12.95
C PHE A 306 3.25 -0.41 -13.23
N CYS A 307 2.48 -0.99 -14.15
CA CYS A 307 2.68 -2.40 -14.51
C CYS A 307 2.47 -2.59 -16.01
N ARG A 308 2.88 -3.76 -16.52
CA ARG A 308 2.74 -4.04 -17.95
C ARG A 308 1.31 -3.87 -18.45
N ARG A 309 0.34 -4.36 -17.66
CA ARG A 309 -1.05 -4.23 -18.07
C ARG A 309 -1.43 -2.78 -18.32
N TRP A 310 -0.83 -1.87 -17.58
CA TRP A 310 -1.14 -0.45 -17.73
C TRP A 310 -0.52 0.13 -18.99
N LEU A 311 0.50 -0.55 -19.52
CA LEU A 311 1.12 -0.11 -20.77
C LEU A 311 0.26 -0.67 -21.91
N ASP A 312 -0.25 -1.88 -21.72
CA ASP A 312 -1.09 -2.51 -22.74
C ASP A 312 -2.33 -1.65 -23.00
N ARG A 313 -3.02 -1.25 -21.94
CA ARG A 313 -4.23 -0.44 -22.09
C ARG A 313 -4.00 0.92 -22.72
N LEU A 314 -2.74 1.35 -22.77
CA LEU A 314 -2.43 2.64 -23.38
C LEU A 314 -2.12 2.43 -24.86
N GLY A 315 -2.38 1.22 -25.34
CA GLY A 315 -2.12 0.90 -26.74
C GLY A 315 -0.69 0.56 -27.09
N GLU A 316 0.17 0.40 -26.09
CA GLU A 316 1.57 0.05 -26.34
C GLU A 316 1.75 -1.44 -26.60
N SER A 317 2.63 -1.78 -27.54
CA SER A 317 2.90 -3.17 -27.87
C SER A 317 4.38 -3.34 -28.23
N LYS A 318 4.91 -4.53 -28.00
CA LYS A 318 6.32 -4.80 -28.29
C LYS A 318 7.18 -3.74 -27.60
N TYR A 319 7.00 -3.61 -26.29
CA TYR A 319 7.74 -2.63 -25.49
C TYR A 319 8.69 -3.27 -24.48
N LEU A 320 8.68 -4.60 -24.40
CA LEU A 320 9.52 -5.30 -23.43
C LEU A 320 11.01 -4.95 -23.48
N MET A 321 11.61 -4.97 -24.67
CA MET A 321 13.03 -4.65 -24.77
C MET A 321 13.26 -3.20 -24.35
N ALA A 322 12.40 -2.29 -24.80
CA ALA A 322 12.53 -0.88 -24.43
C ALA A 322 12.44 -0.75 -22.91
N LEU A 323 11.56 -1.52 -22.30
CA LEU A 323 11.40 -1.48 -20.85
C LEU A 323 12.65 -2.03 -20.17
N LYS A 324 13.20 -3.12 -20.74
CA LYS A 324 14.40 -3.72 -20.19
C LYS A 324 15.56 -2.74 -20.33
N ASN A 325 15.59 -1.99 -21.43
CA ASN A 325 16.63 -0.99 -21.65
C ASN A 325 16.59 0.07 -20.55
N LEU A 326 15.39 0.58 -20.27
CA LEU A 326 15.24 1.60 -19.24
C LEU A 326 15.69 1.06 -17.87
N CYS A 327 15.38 -0.20 -17.60
CA CYS A 327 15.80 -0.81 -16.34
C CYS A 327 17.32 -0.96 -16.31
N ASP A 328 17.90 -1.43 -17.41
CA ASP A 328 19.34 -1.61 -17.50
C ASP A 328 20.06 -0.28 -17.38
N LEU A 329 19.41 0.81 -17.81
CA LEU A 329 20.00 2.14 -17.72
C LEU A 329 19.82 2.72 -16.32
N GLY A 330 19.03 2.04 -15.49
CA GLY A 330 18.80 2.51 -14.14
C GLY A 330 17.78 3.64 -14.07
N ILE A 331 17.11 3.91 -15.19
CA ILE A 331 16.10 4.96 -15.24
C ILE A 331 14.83 4.45 -14.58
N VAL A 332 14.50 3.19 -14.86
CA VAL A 332 13.34 2.56 -14.28
C VAL A 332 13.86 1.40 -13.42
N ASP A 333 13.12 1.06 -12.38
CA ASP A 333 13.52 -0.04 -11.51
C ASP A 333 12.46 -1.14 -11.52
N PRO A 334 12.88 -2.39 -11.69
CA PRO A 334 11.93 -3.51 -11.68
C PRO A 334 11.67 -3.97 -10.25
N TYR A 335 10.43 -4.36 -9.97
CA TYR A 335 10.04 -4.85 -8.65
C TYR A 335 9.31 -6.19 -8.81
N PRO A 336 10.08 -7.27 -8.98
CA PRO A 336 9.44 -8.58 -9.15
C PRO A 336 8.74 -9.13 -7.91
N PRO A 337 7.88 -10.14 -8.07
CA PRO A 337 7.16 -10.75 -6.95
C PRO A 337 8.12 -11.25 -5.87
N LEU A 338 7.72 -11.08 -4.61
CA LEU A 338 8.53 -11.50 -3.47
C LEU A 338 7.82 -12.66 -2.79
N CYS A 339 8.44 -13.84 -2.80
CA CYS A 339 7.83 -15.02 -2.23
C CYS A 339 8.69 -15.73 -1.19
N ASP A 340 8.05 -16.30 -0.18
CA ASP A 340 8.74 -17.06 0.86
C ASP A 340 8.82 -18.47 0.26
N ILE A 341 9.24 -19.44 1.07
CA ILE A 341 9.38 -20.81 0.61
C ILE A 341 8.09 -21.42 0.03
N LYS A 342 8.27 -22.43 -0.82
CA LYS A 342 7.17 -23.13 -1.45
C LYS A 342 6.34 -23.79 -0.35
N GLY A 343 5.02 -23.71 -0.47
CA GLY A 343 4.16 -24.29 0.54
C GLY A 343 3.86 -23.40 1.73
N SER A 344 4.57 -22.28 1.87
CA SER A 344 4.32 -21.38 2.99
C SER A 344 3.13 -20.45 2.72
N TYR A 345 2.58 -19.86 3.78
CA TYR A 345 1.46 -18.95 3.64
C TYR A 345 1.83 -17.59 4.21
N THR A 346 1.50 -16.53 3.48
CA THR A 346 1.80 -15.18 3.94
C THR A 346 0.55 -14.32 3.93
N ALA A 347 0.50 -13.33 4.82
CA ALA A 347 -0.64 -12.42 4.94
C ALA A 347 -0.12 -11.00 5.13
N GLN A 348 -0.97 -10.01 4.82
CA GLN A 348 -0.59 -8.61 4.96
C GLN A 348 -1.74 -7.66 5.26
N PHE A 349 -1.45 -6.64 6.06
CA PHE A 349 -2.41 -5.60 6.38
C PHE A 349 -1.61 -4.31 6.37
N GLU A 350 -2.20 -3.25 5.83
CA GLU A 350 -1.50 -1.98 5.71
C GLU A 350 -2.44 -0.77 5.76
N HIS A 351 -1.96 0.30 6.37
CA HIS A 351 -2.70 1.56 6.46
C HIS A 351 -1.74 2.71 6.27
N THR A 352 -2.28 3.86 5.85
CA THR A 352 -1.49 5.06 5.68
C THR A 352 -1.88 5.95 6.85
N ILE A 353 -0.90 6.56 7.51
CA ILE A 353 -1.17 7.42 8.65
C ILE A 353 -0.52 8.78 8.45
N LEU A 354 -1.15 9.81 9.01
CA LEU A 354 -0.66 11.17 8.90
C LEU A 354 -0.20 11.64 10.28
N LEU A 355 1.05 12.05 10.37
CA LEU A 355 1.58 12.54 11.63
C LEU A 355 1.33 14.05 11.69
N ARG A 356 0.06 14.41 11.85
CA ARG A 356 -0.31 15.82 11.92
C ARG A 356 0.17 16.49 13.21
N PRO A 357 0.26 17.83 13.19
CA PRO A 357 0.71 18.57 14.38
C PRO A 357 -0.13 18.28 15.62
N THR A 358 -1.45 18.32 15.49
CA THR A 358 -2.33 18.09 16.62
C THR A 358 -2.67 16.65 16.94
N CYS A 359 -2.42 15.72 16.00
CA CYS A 359 -2.74 14.33 16.26
C CYS A 359 -2.26 13.36 15.18
N LYS A 360 -2.47 12.06 15.43
CA LYS A 360 -2.10 11.02 14.50
C LYS A 360 -3.40 10.55 13.85
N GLU A 361 -3.46 10.59 12.53
CA GLU A 361 -4.67 10.18 11.81
C GLU A 361 -4.46 8.96 10.91
N VAL A 362 -5.14 7.87 11.22
CA VAL A 362 -5.06 6.66 10.41
C VAL A 362 -6.09 6.97 9.33
N VAL A 363 -5.67 7.79 8.38
CA VAL A 363 -6.53 8.26 7.30
C VAL A 363 -7.23 7.20 6.45
N SER A 364 -6.61 6.03 6.29
CA SER A 364 -7.22 4.98 5.48
C SER A 364 -8.06 3.99 6.29
N ARG A 365 -8.20 4.22 7.60
CA ARG A 365 -8.99 3.32 8.45
C ARG A 365 -10.44 3.26 7.97
N GLY A 366 -11.03 2.07 8.01
CA GLY A 366 -12.42 1.93 7.58
C GLY A 366 -13.24 1.15 8.60
N ASP A 367 -14.46 0.78 8.22
CA ASP A 367 -15.33 0.01 9.11
C ASP A 367 -14.97 -1.46 8.98
N ASP A 368 -14.13 -1.76 8.00
CA ASP A 368 -13.70 -3.13 7.75
C ASP A 368 -12.40 -3.46 8.47
N TYR A 369 -11.41 -2.59 8.38
CA TYR A 369 -10.13 -2.82 9.06
C TYR A 369 -9.35 -1.52 9.18
MN MN B . 0.95 -1.38 -0.19
MN MN C . 3.54 0.20 1.35
C1 AO1 D . 7.01 -1.36 -6.22
C2 AO1 D . 6.41 0.01 -6.01
S3 AO1 D . 4.76 -0.14 -5.29
C4 AO1 D . 5.17 0.16 -3.67
C5 AO1 D . 4.87 -1.17 -3.01
C6 AO1 D . 3.98 -0.86 -1.82
C8 AO1 D . 4.19 -1.88 -0.61
C9 AO1 D . 5.44 -1.47 0.00
N10 AO1 D . 6.02 -2.67 -0.08
C11 AO1 D . 7.29 -2.59 0.55
C12 AO1 D . 8.41 -1.94 -0.39
O13 AO1 D . 5.16 -0.31 -0.16
C14 AO1 D . 7.75 -3.95 1.07
C15 AO1 D . 8.51 -2.30 -1.89
C16 AO1 D . 9.56 -1.73 -2.77
C17 AO1 D . 10.57 -0.80 -2.25
C18 AO1 D . 10.55 -0.41 -0.84
C19 AO1 D . 9.46 -0.97 0.15
C20 AO1 D . 11.57 0.53 -0.35
C21 AO1 D . 11.59 0.95 1.07
C22 AO1 D . 10.57 0.43 2.02
C23 AO1 D . 9.52 -0.51 1.58
O24 AO1 D . 3.14 -1.75 0.37
N7 AO1 D . 2.57 -0.67 -2.13
#